data_3FE2
#
_entry.id   3FE2
#
_cell.length_a   84.570
_cell.length_b   106.870
_cell.length_c   117.320
_cell.angle_alpha   90.00
_cell.angle_beta   90.00
_cell.angle_gamma   90.00
#
_symmetry.space_group_name_H-M   'C 2 2 21'
#
loop_
_entity.id
_entity.type
_entity.pdbx_description
1 polymer 'Probable ATP-dependent RNA helicase DDX5'
2 non-polymer 'SULFATE ION'
3 non-polymer "ADENOSINE-5'-DIPHOSPHATE"
4 non-polymer 'CHLORIDE ION'
5 water water
#
_entity_poly.entity_id   1
_entity_poly.type   'polypeptide(L)'
_entity_poly.pdbx_seq_one_letter_code
;SMRTAQEVETYRRSKEITVRGHNCPKPVLNFYEANFPANVMDVIARQNFTEPTAIQAQGWPVALSGLDMVGVAQTGSGKT
LSYLLPAIVHINHQPFLERGDGPICLVLAPTRELAQQVQQVAAEYCRACRLKSTCIYGGAPKGPQIRDLERGVEICIATP
GRLIDFLECGKTNLRRTTYLVLDEADRMLDMGFEPQIRKIVDQIRPDRQTLMWSATWPKEVRQLAEDFLKDYIHINIGAL
EL
;
_entity_poly.pdbx_strand_id   A,B
#
# COMPACT_ATOMS: atom_id res chain seq x y z
N GLN A 6 25.45 -20.89 -17.90
CA GLN A 6 24.49 -19.83 -17.51
C GLN A 6 23.24 -19.92 -18.39
N GLU A 7 22.16 -20.47 -17.82
CA GLU A 7 20.80 -20.31 -18.33
C GLU A 7 20.50 -18.84 -18.61
N VAL A 8 21.10 -17.97 -17.80
CA VAL A 8 21.05 -16.52 -17.99
C VAL A 8 21.47 -16.14 -19.42
N GLU A 9 22.70 -16.51 -19.79
CA GLU A 9 23.28 -16.14 -21.07
C GLU A 9 22.43 -16.63 -22.24
N THR A 10 21.78 -17.78 -22.10
CA THR A 10 20.79 -18.25 -23.08
C THR A 10 19.61 -17.25 -23.21
N TYR A 11 19.08 -16.80 -22.08
CA TYR A 11 17.95 -15.86 -22.05
C TYR A 11 18.32 -14.47 -22.56
N ARG A 12 19.41 -13.93 -22.05
CA ARG A 12 19.94 -12.65 -22.52
C ARG A 12 20.20 -12.69 -24.03
N ARG A 13 20.93 -13.71 -24.47
CA ARG A 13 21.29 -13.87 -25.88
C ARG A 13 20.05 -13.88 -26.77
N SER A 14 19.03 -14.61 -26.33
CA SER A 14 17.74 -14.65 -27.00
C SER A 14 17.12 -13.25 -27.14
N LYS A 15 17.01 -12.56 -26.01
CA LYS A 15 16.30 -11.28 -25.95
C LYS A 15 17.16 -10.08 -26.43
N GLU A 16 18.36 -10.39 -26.92
CA GLU A 16 19.33 -9.38 -27.40
C GLU A 16 19.69 -8.43 -26.25
N ILE A 17 19.92 -8.98 -25.07
CA ILE A 17 20.32 -8.19 -23.92
C ILE A 17 21.85 -8.28 -23.75
N THR A 18 22.51 -7.12 -23.78
CA THR A 18 23.91 -7.01 -23.44
C THR A 18 24.06 -6.22 -22.15
N VAL A 19 24.77 -6.77 -21.19
CA VAL A 19 24.94 -6.14 -19.90
C VAL A 19 26.40 -5.77 -19.72
N ARG A 20 26.66 -4.65 -19.08
CA ARG A 20 28.03 -4.23 -18.77
C ARG A 20 28.10 -3.69 -17.34
N GLY A 21 29.20 -3.98 -16.65
CA GLY A 21 29.48 -3.40 -15.35
C GLY A 21 29.69 -4.50 -14.35
N HIS A 22 29.94 -4.11 -13.11
CA HIS A 22 30.25 -5.08 -12.07
C HIS A 22 29.02 -5.65 -11.38
N ASN A 23 28.92 -6.98 -11.34
CA ASN A 23 27.90 -7.69 -10.57
C ASN A 23 26.44 -7.35 -10.87
N CYS A 24 26.07 -7.37 -12.14
CA CYS A 24 24.67 -7.33 -12.50
C CYS A 24 23.93 -8.58 -11.99
N PRO A 25 22.83 -8.40 -11.24
CA PRO A 25 22.04 -9.59 -10.85
C PRO A 25 21.43 -10.34 -12.03
N LYS A 26 21.07 -11.61 -11.84
CA LYS A 26 20.41 -12.38 -12.92
C LYS A 26 19.09 -11.70 -13.32
N PRO A 27 18.69 -11.82 -14.60
CA PRO A 27 17.42 -11.26 -15.04
C PRO A 27 16.27 -12.06 -14.49
N VAL A 28 15.14 -11.42 -14.22
CA VAL A 28 13.95 -12.14 -13.75
C VAL A 28 13.22 -12.71 -14.96
N LEU A 29 12.93 -14.01 -14.92
CA LEU A 29 12.32 -14.67 -16.08
C LEU A 29 10.80 -14.45 -16.22
N ASN A 30 10.14 -13.95 -15.18
CA ASN A 30 8.68 -13.74 -15.18
C ASN A 30 8.27 -12.71 -14.13
N PHE A 31 7.02 -12.26 -14.20
CA PHE A 31 6.50 -11.23 -13.29
C PHE A 31 6.55 -11.59 -11.80
N TYR A 32 6.40 -12.87 -11.53
CA TYR A 32 6.11 -13.37 -10.19
C TYR A 32 7.40 -13.33 -9.38
N GLU A 33 8.49 -13.44 -10.10
CA GLU A 33 9.84 -13.56 -9.57
C GLU A 33 10.31 -12.19 -9.08
N ALA A 34 9.84 -11.12 -9.72
CA ALA A 34 10.09 -9.77 -9.26
C ALA A 34 9.58 -9.56 -7.85
N ASN A 35 8.53 -10.29 -7.45
CA ASN A 35 7.98 -10.17 -6.12
C ASN A 35 7.54 -8.74 -5.78
N PHE A 36 6.93 -8.06 -6.75
CA PHE A 36 6.36 -6.76 -6.53
C PHE A 36 5.22 -6.99 -5.56
N PRO A 37 4.81 -5.95 -4.83
CA PRO A 37 3.71 -6.11 -3.89
C PRO A 37 2.34 -6.34 -4.56
N ALA A 38 1.42 -6.88 -3.77
CA ALA A 38 0.08 -7.28 -4.22
C ALA A 38 -0.63 -6.19 -5.03
N ASN A 39 -0.72 -4.98 -4.48
CA ASN A 39 -1.41 -3.88 -5.16
C ASN A 39 -0.87 -3.56 -6.56
N VAL A 40 0.44 -3.63 -6.73
CA VAL A 40 1.05 -3.45 -8.05
C VAL A 40 0.68 -4.63 -8.95
N MET A 41 0.71 -5.84 -8.42
CA MET A 41 0.34 -7.01 -9.21
C MET A 41 -1.11 -6.88 -9.68
N ASP A 42 -1.99 -6.37 -8.81
CA ASP A 42 -3.38 -6.18 -9.20
C ASP A 42 -3.43 -5.42 -10.49
N VAL A 43 -2.68 -4.33 -10.56
CA VAL A 43 -2.70 -3.44 -11.71
C VAL A 43 -2.00 -4.07 -12.92
N ILE A 44 -0.88 -4.75 -12.73
CA ILE A 44 -0.23 -5.49 -13.83
C ILE A 44 -1.12 -6.55 -14.46
N ALA A 45 -1.90 -7.26 -13.65
CA ALA A 45 -2.78 -8.33 -14.17
C ALA A 45 -3.83 -7.77 -15.15
N ARG A 46 -4.32 -6.56 -14.86
CA ARG A 46 -5.30 -5.88 -15.70
C ARG A 46 -4.76 -5.39 -17.03
N GLN A 47 -3.45 -5.41 -17.22
CA GLN A 47 -2.86 -4.94 -18.46
C GLN A 47 -2.70 -6.08 -19.47
N ASN A 48 -3.00 -7.31 -19.03
CA ASN A 48 -2.93 -8.48 -19.88
C ASN A 48 -1.59 -8.62 -20.57
N PHE A 49 -0.49 -8.35 -19.87
CA PHE A 49 0.82 -8.66 -20.43
C PHE A 49 1.01 -10.14 -20.24
N THR A 50 1.64 -10.80 -21.20
CA THR A 50 1.94 -12.21 -21.07
C THR A 50 3.29 -12.39 -20.34
N GLU A 51 4.19 -11.42 -20.48
CA GLU A 51 5.59 -11.59 -20.10
C GLU A 51 6.32 -10.26 -19.87
N PRO A 52 7.41 -10.28 -19.09
CA PRO A 52 8.23 -9.08 -18.99
C PRO A 52 8.99 -8.82 -20.26
N THR A 53 9.06 -7.56 -20.64
CA THR A 53 9.89 -7.14 -21.77
C THR A 53 11.34 -7.30 -21.35
N ALA A 54 12.23 -7.38 -22.32
CA ALA A 54 13.64 -7.67 -22.06
C ALA A 54 14.31 -6.74 -21.03
N ILE A 55 14.02 -5.44 -21.07
CA ILE A 55 14.59 -4.52 -20.04
C ILE A 55 13.93 -4.57 -18.69
N GLN A 56 12.65 -4.89 -18.66
CA GLN A 56 12.00 -5.12 -17.40
C GLN A 56 12.69 -6.32 -16.80
N ALA A 57 13.00 -7.30 -17.63
CA ALA A 57 13.57 -8.54 -17.17
C ALA A 57 14.89 -8.28 -16.48
N GLN A 58 15.79 -7.58 -17.16
CA GLN A 58 17.13 -7.35 -16.59
C GLN A 58 17.16 -6.11 -15.70
N GLY A 59 16.37 -5.11 -16.06
CA GLY A 59 16.37 -3.83 -15.38
C GLY A 59 15.81 -3.86 -13.98
N TRP A 60 14.65 -4.48 -13.84
CA TRP A 60 13.97 -4.56 -12.54
C TRP A 60 14.89 -5.04 -11.44
N PRO A 61 15.49 -6.24 -11.59
CA PRO A 61 16.32 -6.73 -10.48
C PRO A 61 17.48 -5.83 -10.14
N VAL A 62 18.06 -5.18 -11.16
CA VAL A 62 19.08 -4.12 -10.93
C VAL A 62 18.49 -2.98 -10.09
N ALA A 63 17.38 -2.43 -10.56
CA ALA A 63 16.74 -1.37 -9.82
C ALA A 63 16.37 -1.84 -8.40
N LEU A 64 15.75 -3.01 -8.29
CA LEU A 64 15.33 -3.51 -6.97
C LEU A 64 16.52 -3.79 -6.05
N SER A 65 17.69 -4.04 -6.62
CA SER A 65 18.91 -4.20 -5.82
C SER A 65 19.46 -2.89 -5.23
N GLY A 66 19.06 -1.74 -5.75
CA GLY A 66 19.52 -0.45 -5.27
C GLY A 66 20.64 0.18 -6.08
N LEU A 67 21.07 -0.52 -7.12
CA LEU A 67 22.14 -0.12 -8.03
C LEU A 67 21.77 1.03 -9.01
N ASP A 68 22.76 1.83 -9.40
CA ASP A 68 22.56 2.81 -10.48
C ASP A 68 22.61 2.09 -11.81
N MET A 69 21.96 2.64 -12.83
CA MET A 69 21.98 2.02 -14.14
C MET A 69 21.57 2.95 -15.26
N VAL A 70 21.92 2.52 -16.47
CA VAL A 70 21.49 3.13 -17.71
C VAL A 70 20.85 2.05 -18.56
N GLY A 71 19.61 2.25 -18.97
CA GLY A 71 18.89 1.32 -19.87
C GLY A 71 18.76 1.89 -21.28
N VAL A 72 19.33 1.20 -22.26
CA VAL A 72 19.27 1.66 -23.63
C VAL A 72 18.39 0.73 -24.44
N ALA A 73 17.23 1.23 -24.89
CA ALA A 73 16.34 0.46 -25.77
C ALA A 73 15.47 1.38 -26.63
N GLN A 74 15.14 0.90 -27.82
CA GLN A 74 14.16 1.56 -28.72
C GLN A 74 12.95 2.05 -27.98
N THR A 75 12.37 3.15 -28.44
CA THR A 75 11.04 3.52 -27.98
C THR A 75 10.17 2.28 -28.10
N GLY A 76 9.42 2.00 -27.03
CA GLY A 76 8.46 0.88 -27.00
C GLY A 76 8.91 -0.42 -26.33
N SER A 77 10.09 -0.42 -25.75
CA SER A 77 10.63 -1.62 -25.11
C SER A 77 10.20 -1.77 -23.62
N GLY A 78 9.34 -0.86 -23.15
CA GLY A 78 8.73 -0.97 -21.84
C GLY A 78 9.60 -0.46 -20.69
N LYS A 79 10.26 0.68 -20.89
CA LYS A 79 11.14 1.20 -19.83
C LYS A 79 10.43 1.98 -18.72
N THR A 80 9.25 2.52 -19.00
CA THR A 80 8.54 3.29 -17.99
C THR A 80 8.33 2.40 -16.78
N LEU A 81 7.71 1.25 -17.00
CA LEU A 81 7.48 0.29 -15.95
C LEU A 81 8.80 -0.16 -15.31
N SER A 82 9.87 -0.16 -16.10
CA SER A 82 11.21 -0.57 -15.64
C SER A 82 11.72 0.26 -14.49
N TYR A 83 11.42 1.55 -14.49
CA TYR A 83 11.78 2.39 -13.34
C TYR A 83 10.63 2.66 -12.38
N LEU A 84 9.42 2.80 -12.90
CA LEU A 84 8.27 3.05 -12.06
C LEU A 84 8.07 2.01 -10.97
N LEU A 85 8.00 0.74 -11.37
CA LEU A 85 7.58 -0.30 -10.45
C LEU A 85 8.57 -0.51 -9.30
N PRO A 86 9.89 -0.60 -9.59
CA PRO A 86 10.85 -0.52 -8.48
C PRO A 86 10.74 0.79 -7.65
N ALA A 87 10.32 1.88 -8.26
CA ALA A 87 10.10 3.10 -7.49
C ALA A 87 9.11 2.86 -6.36
N ILE A 88 8.05 2.10 -6.64
CA ILE A 88 7.01 1.86 -5.63
C ILE A 88 7.64 1.10 -4.49
N VAL A 89 8.42 0.06 -4.80
CA VAL A 89 9.09 -0.72 -3.76
C VAL A 89 9.98 0.17 -2.89
N HIS A 90 10.86 0.93 -3.53
CA HIS A 90 11.63 1.94 -2.86
C HIS A 90 10.82 2.75 -1.84
N ILE A 91 9.74 3.37 -2.31
CA ILE A 91 8.87 4.19 -1.46
C ILE A 91 8.33 3.39 -0.23
N ASN A 92 8.01 2.11 -0.47
CA ASN A 92 7.56 1.24 0.62
C ASN A 92 8.64 0.96 1.68
N HIS A 93 9.90 1.24 1.35
CA HIS A 93 11.05 0.94 2.21
C HIS A 93 11.70 2.20 2.78
N GLN A 94 11.12 3.35 2.44
CA GLN A 94 11.58 4.62 2.97
C GLN A 94 10.49 5.07 3.94
N PRO A 95 10.84 5.87 4.94
CA PRO A 95 9.78 6.31 5.85
C PRO A 95 8.59 7.00 5.16
N PHE A 96 7.45 7.01 5.86
CA PHE A 96 6.18 7.65 5.48
C PHE A 96 6.31 9.15 5.17
N LEU A 97 5.58 9.63 4.17
CA LEU A 97 5.61 11.06 3.75
C LEU A 97 4.96 11.99 4.78
N GLU A 98 5.75 12.92 5.31
CA GLU A 98 5.31 13.86 6.34
C GLU A 98 4.94 15.20 5.68
N ARG A 99 4.02 15.94 6.31
CA ARG A 99 3.70 17.33 5.93
C ARG A 99 4.93 18.07 5.41
N GLY A 100 4.87 18.52 4.15
CA GLY A 100 5.93 19.37 3.64
C GLY A 100 7.19 18.67 3.17
N ASP A 101 7.19 17.33 3.20
CA ASP A 101 8.29 16.59 2.62
C ASP A 101 8.17 16.72 1.11
N GLY A 102 9.29 16.91 0.44
CA GLY A 102 9.32 16.89 -1.03
C GLY A 102 9.16 15.47 -1.53
N PRO A 103 9.26 15.26 -2.84
CA PRO A 103 9.09 13.91 -3.35
C PRO A 103 10.28 12.98 -3.06
N ILE A 104 9.94 11.71 -2.78
CA ILE A 104 10.91 10.60 -2.66
C ILE A 104 11.46 10.16 -4.03
N CYS A 105 10.58 10.06 -5.02
CA CYS A 105 10.96 9.68 -6.38
C CYS A 105 10.76 10.86 -7.35
N LEU A 106 11.81 11.19 -8.11
CA LEU A 106 11.80 12.31 -9.02
C LEU A 106 12.10 11.76 -10.41
N VAL A 107 11.11 11.88 -11.30
CA VAL A 107 11.28 11.46 -12.66
C VAL A 107 11.37 12.71 -13.50
N LEU A 108 12.56 12.96 -14.08
CA LEU A 108 12.76 14.07 -15.00
C LEU A 108 12.51 13.63 -16.43
N ALA A 109 11.78 14.45 -17.19
CA ALA A 109 11.46 14.15 -18.60
C ALA A 109 11.65 15.40 -19.48
N PRO A 110 11.96 15.22 -20.76
CA PRO A 110 12.40 16.36 -21.56
C PRO A 110 11.28 17.29 -21.97
N THR A 111 10.07 16.76 -22.15
CA THR A 111 8.97 17.55 -22.65
C THR A 111 7.72 17.33 -21.84
N ARG A 112 6.81 18.29 -21.96
CA ARG A 112 5.49 18.20 -21.35
C ARG A 112 4.81 16.83 -21.61
N GLU A 113 4.78 16.45 -22.89
CA GLU A 113 4.03 15.30 -23.38
C GLU A 113 4.50 13.96 -22.80
N LEU A 114 5.81 13.77 -22.74
CA LEU A 114 6.40 12.57 -22.16
C LEU A 114 6.25 12.56 -20.63
N ALA A 115 6.25 13.74 -20.03
CA ALA A 115 5.98 13.88 -18.59
C ALA A 115 4.59 13.35 -18.28
N GLN A 116 3.63 13.77 -19.09
CA GLN A 116 2.23 13.36 -18.92
C GLN A 116 2.02 11.88 -19.22
N GLN A 117 2.70 11.34 -20.23
CA GLN A 117 2.58 9.90 -20.51
C GLN A 117 2.95 9.08 -19.28
N VAL A 118 4.01 9.47 -18.59
CA VAL A 118 4.48 8.74 -17.42
C VAL A 118 3.52 8.88 -16.23
N GLN A 119 2.92 10.06 -16.07
CA GLN A 119 1.87 10.25 -15.08
C GLN A 119 0.69 9.32 -15.36
N GLN A 120 0.36 9.12 -16.64
CA GLN A 120 -0.78 8.31 -17.03
C GLN A 120 -0.55 6.86 -16.65
N VAL A 121 0.64 6.35 -16.98
CA VAL A 121 1.00 5.00 -16.61
C VAL A 121 0.96 4.89 -15.09
N ALA A 122 1.48 5.92 -14.42
CA ALA A 122 1.64 5.86 -12.98
C ALA A 122 0.34 5.97 -12.19
N ALA A 123 -0.70 6.56 -12.78
CA ALA A 123 -1.94 6.89 -12.07
C ALA A 123 -2.58 5.68 -11.44
N GLU A 124 -2.74 4.64 -12.25
CA GLU A 124 -3.41 3.43 -11.80
C GLU A 124 -2.67 2.76 -10.62
N TYR A 125 -1.34 2.80 -10.62
CA TYR A 125 -0.53 2.15 -9.57
C TYR A 125 -0.51 3.01 -8.33
N CYS A 126 -0.38 4.31 -8.49
CA CYS A 126 -0.51 5.25 -7.37
C CYS A 126 -1.81 5.10 -6.61
N ARG A 127 -2.89 4.87 -7.34
CA ARG A 127 -4.22 4.74 -6.78
C ARG A 127 -4.39 3.38 -6.08
N ALA A 128 -3.87 2.33 -6.71
CA ALA A 128 -3.93 0.99 -6.11
C ALA A 128 -3.07 0.92 -4.83
N CYS A 129 -2.00 1.71 -4.80
CA CYS A 129 -1.00 1.69 -3.74
C CYS A 129 -1.14 2.85 -2.80
N ARG A 130 -2.14 3.70 -3.05
CA ARG A 130 -2.40 4.85 -2.20
C ARG A 130 -1.23 5.80 -2.15
N LEU A 131 -0.53 5.94 -3.26
CA LEU A 131 0.51 6.96 -3.39
C LEU A 131 -0.05 8.18 -4.13
N LYS A 132 0.47 9.36 -3.80
CA LYS A 132 0.13 10.56 -4.49
C LYS A 132 1.25 10.95 -5.47
N SER A 133 0.88 11.30 -6.70
CA SER A 133 1.85 11.81 -7.64
C SER A 133 1.34 12.99 -8.44
N THR A 134 2.24 13.60 -9.19
CA THR A 134 1.91 14.81 -9.90
C THR A 134 2.83 15.04 -11.09
N CYS A 135 2.27 15.64 -12.13
CA CYS A 135 3.02 16.00 -13.31
C CYS A 135 3.32 17.49 -13.29
N ILE A 136 4.59 17.85 -13.20
CA ILE A 136 5.03 19.25 -13.26
C ILE A 136 5.58 19.54 -14.64
N TYR A 137 5.00 20.49 -15.37
CA TYR A 137 5.54 20.88 -16.67
C TYR A 137 5.30 22.36 -16.98
N GLY A 138 6.16 22.91 -17.85
CA GLY A 138 6.07 24.29 -18.30
C GLY A 138 4.88 24.57 -19.21
N GLY A 139 4.50 25.85 -19.29
CA GLY A 139 3.42 26.32 -20.16
C GLY A 139 2.03 26.39 -19.53
N ALA A 140 1.78 25.51 -18.57
CA ALA A 140 0.44 25.32 -17.97
C ALA A 140 0.31 26.02 -16.62
N PRO A 141 -0.94 26.16 -16.14
CA PRO A 141 -1.16 26.93 -14.92
C PRO A 141 -0.34 26.40 -13.76
N LYS A 142 0.44 27.29 -13.13
CA LYS A 142 1.21 26.92 -11.96
C LYS A 142 0.32 26.41 -10.81
N GLY A 143 -0.85 27.02 -10.65
CA GLY A 143 -1.72 26.79 -9.47
C GLY A 143 -1.99 25.35 -9.06
N PRO A 144 -2.64 24.58 -9.94
CA PRO A 144 -2.90 23.19 -9.53
C PRO A 144 -1.60 22.45 -9.15
N GLN A 145 -0.52 22.71 -9.88
CA GLN A 145 0.74 21.99 -9.68
C GLN A 145 1.31 22.28 -8.30
N ILE A 146 1.25 23.55 -7.90
CA ILE A 146 1.75 23.98 -6.59
C ILE A 146 0.87 23.39 -5.50
N ARG A 147 -0.42 23.20 -5.80
CA ARG A 147 -1.37 22.62 -4.86
C ARG A 147 -0.93 21.21 -4.52
N ASP A 148 -0.71 20.41 -5.57
CA ASP A 148 -0.32 19.01 -5.43
C ASP A 148 0.96 18.88 -4.62
N LEU A 149 1.94 19.74 -4.91
CA LEU A 149 3.24 19.67 -4.25
C LEU A 149 3.11 20.05 -2.80
N GLU A 150 2.17 20.93 -2.49
CA GLU A 150 1.99 21.37 -1.12
C GLU A 150 1.23 20.34 -0.29
N ARG A 151 0.28 19.64 -0.91
CA ARG A 151 -0.47 18.56 -0.24
C ARG A 151 0.41 17.33 -0.03
N GLY A 152 1.50 17.25 -0.77
CA GLY A 152 2.50 16.20 -0.59
C GLY A 152 2.37 15.10 -1.62
N VAL A 153 3.45 14.82 -2.35
CA VAL A 153 3.53 13.71 -3.31
C VAL A 153 4.78 12.85 -3.07
N GLU A 154 4.63 11.53 -3.15
CA GLU A 154 5.76 10.63 -3.11
C GLU A 154 6.48 10.65 -4.44
N ILE A 155 5.72 10.81 -5.51
CA ILE A 155 6.26 10.80 -6.87
C ILE A 155 6.04 12.17 -7.55
N CYS A 156 7.10 12.72 -8.11
CA CYS A 156 7.04 13.97 -8.85
C CYS A 156 7.69 13.79 -10.20
N ILE A 157 6.87 13.83 -11.25
CA ILE A 157 7.33 13.70 -12.62
C ILE A 157 7.40 15.12 -13.10
N ALA A 158 8.54 15.52 -13.66
CA ALA A 158 8.80 16.93 -13.96
C ALA A 158 9.59 17.17 -15.26
N THR A 159 9.33 18.31 -15.90
CA THR A 159 10.29 18.86 -16.85
C THR A 159 11.19 19.88 -16.09
N PRO A 160 12.45 20.01 -16.50
CA PRO A 160 13.48 20.69 -15.71
C PRO A 160 13.17 22.14 -15.32
N GLY A 161 12.85 22.96 -16.32
CA GLY A 161 12.62 24.39 -16.14
C GLY A 161 11.61 24.73 -15.06
N ARG A 162 10.42 24.17 -15.16
CA ARG A 162 9.38 24.41 -14.15
C ARG A 162 9.80 23.93 -12.76
N LEU A 163 10.51 22.80 -12.71
CA LEU A 163 11.00 22.28 -11.45
C LEU A 163 11.91 23.29 -10.81
N ILE A 164 12.85 23.82 -11.57
CA ILE A 164 13.82 24.79 -11.05
C ILE A 164 13.10 25.97 -10.42
N ASP A 165 12.28 26.64 -11.23
CA ASP A 165 11.42 27.74 -10.80
C ASP A 165 10.81 27.43 -9.41
N PHE A 166 10.20 26.26 -9.29
CA PHE A 166 9.54 25.86 -8.05
C PHE A 166 10.50 25.69 -6.89
N LEU A 167 11.63 25.05 -7.13
CA LEU A 167 12.64 24.91 -6.08
C LEU A 167 13.09 26.27 -5.58
N GLU A 168 13.50 27.14 -6.51
CA GLU A 168 13.90 28.54 -6.21
C GLU A 168 12.82 29.30 -5.41
N CYS A 169 11.54 29.09 -5.76
CA CYS A 169 10.44 29.72 -5.04
C CYS A 169 10.08 29.01 -3.73
N GLY A 170 10.69 27.85 -3.47
CA GLY A 170 10.42 27.08 -2.24
C GLY A 170 9.05 26.45 -2.20
N LYS A 171 8.52 26.11 -3.37
CA LYS A 171 7.22 25.48 -3.49
C LYS A 171 7.33 23.95 -3.42
N THR A 172 8.57 23.46 -3.43
CA THR A 172 8.88 22.06 -3.13
C THR A 172 10.37 21.97 -2.87
N ASN A 173 10.86 20.79 -2.54
CA ASN A 173 12.27 20.60 -2.25
C ASN A 173 12.66 19.13 -2.43
N LEU A 174 13.95 18.90 -2.64
CA LEU A 174 14.48 17.59 -3.02
C LEU A 174 15.20 16.88 -1.85
N ARG A 175 15.00 17.35 -0.62
CA ARG A 175 15.75 16.84 0.54
C ARG A 175 15.27 15.46 0.99
N ARG A 176 14.32 14.89 0.25
CA ARG A 176 13.89 13.51 0.45
C ARG A 176 14.04 12.68 -0.83
N THR A 177 14.56 13.27 -1.90
CA THR A 177 14.67 12.56 -3.17
C THR A 177 15.77 11.52 -3.10
N THR A 178 15.40 10.26 -2.97
CA THR A 178 16.35 9.16 -2.88
C THR A 178 16.33 8.23 -4.10
N TYR A 179 15.45 8.52 -5.07
CA TYR A 179 15.25 7.68 -6.26
C TYR A 179 15.07 8.61 -7.47
N LEU A 180 16.11 8.70 -8.31
CA LEU A 180 16.16 9.70 -9.39
C LEU A 180 16.08 9.04 -10.76
N VAL A 181 15.16 9.51 -11.59
CA VAL A 181 15.02 8.99 -12.95
C VAL A 181 15.19 10.06 -14.03
N LEU A 182 16.04 9.79 -15.01
CA LEU A 182 16.17 10.62 -16.18
C LEU A 182 15.65 9.84 -17.37
N ASP A 183 14.38 10.10 -17.73
CA ASP A 183 13.79 9.46 -18.90
C ASP A 183 14.22 10.23 -20.15
N GLU A 184 14.44 9.50 -21.25
CA GLU A 184 14.76 10.08 -22.56
C GLU A 184 15.99 11.00 -22.50
N ALA A 185 17.01 10.56 -21.76
CA ALA A 185 18.20 11.38 -21.47
C ALA A 185 18.84 12.02 -22.71
N ASP A 186 18.89 11.30 -23.82
CA ASP A 186 19.56 11.76 -25.03
C ASP A 186 18.82 12.93 -25.67
N ARG A 187 17.49 12.89 -25.56
CA ARG A 187 16.61 13.94 -26.02
C ARG A 187 16.76 15.11 -25.09
N MET A 188 16.74 14.82 -23.79
CA MET A 188 16.99 15.81 -22.76
C MET A 188 18.29 16.57 -23.02
N LEU A 189 19.30 15.87 -23.53
CA LEU A 189 20.54 16.54 -23.89
C LEU A 189 20.45 17.23 -25.25
N ASP A 190 19.75 16.63 -26.22
CA ASP A 190 19.63 17.22 -27.56
C ASP A 190 18.93 18.59 -27.47
N MET A 191 17.92 18.68 -26.60
CA MET A 191 17.13 19.93 -26.43
C MET A 191 17.85 20.96 -25.56
N GLY A 192 19.07 20.63 -25.14
CA GLY A 192 19.92 21.58 -24.45
C GLY A 192 19.68 21.72 -22.96
N PHE A 193 19.08 20.73 -22.32
CA PHE A 193 18.78 20.80 -20.89
C PHE A 193 19.92 20.42 -19.92
N GLU A 194 21.15 20.25 -20.39
CA GLU A 194 22.18 19.74 -19.50
C GLU A 194 22.49 20.67 -18.33
N PRO A 195 22.63 21.97 -18.58
CA PRO A 195 22.85 22.83 -17.41
C PRO A 195 21.74 22.70 -16.38
N GLN A 196 20.49 22.67 -16.85
CA GLN A 196 19.35 22.60 -15.95
C GLN A 196 19.32 21.31 -15.15
N ILE A 197 19.51 20.18 -15.83
CA ILE A 197 19.51 18.91 -15.09
C ILE A 197 20.63 18.88 -14.03
N ARG A 198 21.79 19.45 -14.36
CA ARG A 198 22.87 19.60 -13.38
C ARG A 198 22.47 20.44 -12.19
N LYS A 199 21.89 21.60 -12.44
CA LYS A 199 21.49 22.52 -11.36
C LYS A 199 20.53 21.82 -10.40
N ILE A 200 19.70 20.94 -10.97
CA ILE A 200 18.74 20.12 -10.21
C ILE A 200 19.43 19.08 -9.30
N VAL A 201 20.18 18.17 -9.92
CA VAL A 201 20.84 17.07 -9.20
C VAL A 201 21.80 17.53 -8.07
N ASP A 202 22.59 18.59 -8.32
CA ASP A 202 23.45 19.18 -7.29
C ASP A 202 22.74 19.48 -5.96
N GLN A 203 21.41 19.58 -5.99
CA GLN A 203 20.64 19.79 -4.77
C GLN A 203 20.10 18.49 -4.18
N ILE A 204 20.52 17.36 -4.73
CA ILE A 204 20.03 16.05 -4.29
C ILE A 204 21.05 15.33 -3.39
N ARG A 205 20.64 15.06 -2.15
CA ARG A 205 21.46 14.34 -1.16
C ARG A 205 22.19 13.13 -1.80
N PRO A 206 23.47 12.88 -1.37
CA PRO A 206 24.42 12.02 -2.11
C PRO A 206 24.03 10.52 -2.24
N ASP A 207 23.31 9.99 -1.25
CA ASP A 207 22.90 8.57 -1.24
C ASP A 207 21.69 8.28 -2.13
N ARG A 208 21.64 8.88 -3.29
CA ARG A 208 20.53 8.65 -4.20
C ARG A 208 20.86 7.52 -5.16
N GLN A 209 19.85 6.70 -5.44
CA GLN A 209 19.90 5.74 -6.54
C GLN A 209 19.44 6.53 -7.77
N THR A 210 20.16 6.41 -8.88
CA THR A 210 19.86 7.17 -10.10
C THR A 210 19.74 6.24 -11.27
N LEU A 211 18.71 6.44 -12.11
CA LEU A 211 18.48 5.57 -13.26
C LEU A 211 18.19 6.41 -14.50
N MET A 212 18.97 6.17 -15.56
CA MET A 212 18.84 6.88 -16.81
C MET A 212 18.24 5.93 -17.81
N TRP A 213 17.50 6.48 -18.76
CA TRP A 213 16.86 5.68 -19.78
C TRP A 213 16.97 6.45 -21.07
N SER A 214 17.32 5.75 -22.14
CA SER A 214 17.64 6.41 -23.39
C SER A 214 17.40 5.41 -24.51
N ALA A 215 17.07 5.92 -25.71
CA ALA A 215 16.98 5.07 -26.89
C ALA A 215 18.36 4.91 -27.54
N THR A 216 19.29 5.79 -27.18
CA THR A 216 20.62 5.81 -27.78
C THR A 216 21.73 6.05 -26.75
N TRP A 217 22.96 5.71 -27.13
CA TRP A 217 24.12 5.78 -26.26
C TRP A 217 25.27 6.59 -26.89
N PRO A 218 25.05 7.91 -27.10
CA PRO A 218 26.14 8.75 -27.63
C PRO A 218 27.05 9.31 -26.54
N LYS A 219 28.18 9.87 -26.97
CA LYS A 219 29.16 10.48 -26.09
C LYS A 219 28.52 11.33 -24.97
N GLU A 220 27.75 12.34 -25.36
CA GLU A 220 27.11 13.29 -24.42
C GLU A 220 26.39 12.59 -23.26
N VAL A 221 25.69 11.50 -23.58
CA VAL A 221 24.90 10.75 -22.59
C VAL A 221 25.82 9.92 -21.71
N ARG A 222 26.76 9.24 -22.36
CA ARG A 222 27.77 8.45 -21.68
C ARG A 222 28.51 9.29 -20.63
N GLN A 223 28.84 10.52 -20.98
CA GLN A 223 29.52 11.44 -20.05
C GLN A 223 28.64 11.86 -18.86
N LEU A 224 27.36 12.07 -19.13
CA LEU A 224 26.36 12.34 -18.09
C LEU A 224 26.28 11.18 -17.10
N ALA A 225 26.27 9.96 -17.64
CA ALA A 225 26.30 8.76 -16.82
C ALA A 225 27.50 8.74 -15.87
N GLU A 226 28.69 9.02 -16.41
CA GLU A 226 29.93 8.95 -15.62
C GLU A 226 29.99 10.02 -14.54
N ASP A 227 29.37 11.16 -14.79
CA ASP A 227 29.35 12.23 -13.80
C ASP A 227 28.32 11.98 -12.70
N PHE A 228 27.19 11.34 -13.05
CA PHE A 228 26.03 11.23 -12.16
C PHE A 228 25.80 9.89 -11.51
N LEU A 229 26.26 8.83 -12.14
CA LEU A 229 26.00 7.49 -11.65
C LEU A 229 27.17 6.93 -10.85
N LYS A 230 26.85 5.94 -10.02
CA LYS A 230 27.81 5.21 -9.22
C LYS A 230 27.88 3.75 -9.66
N ASP A 231 29.08 3.31 -10.08
CA ASP A 231 29.34 1.92 -10.44
C ASP A 231 28.19 1.32 -11.23
N TYR A 232 27.81 1.98 -12.30
CA TYR A 232 26.55 1.69 -12.92
C TYR A 232 26.55 0.45 -13.77
N ILE A 233 25.37 -0.13 -13.92
CA ILE A 233 25.11 -1.15 -14.90
C ILE A 233 24.59 -0.50 -16.18
N HIS A 234 25.03 -1.02 -17.31
CA HIS A 234 24.67 -0.54 -18.64
C HIS A 234 23.95 -1.67 -19.32
N ILE A 235 22.65 -1.54 -19.53
CA ILE A 235 21.89 -2.58 -20.22
C ILE A 235 21.64 -2.10 -21.63
N ASN A 236 21.96 -2.94 -22.63
CA ASN A 236 21.58 -2.64 -24.02
C ASN A 236 20.53 -3.61 -24.55
N ILE A 237 19.56 -3.11 -25.32
CA ILE A 237 18.54 -3.96 -25.98
C ILE A 237 18.50 -3.72 -27.49
N GLY A 238 18.90 -4.73 -28.27
CA GLY A 238 18.95 -4.63 -29.75
C GLY A 238 20.14 -5.38 -30.32
N ALA A 239 20.14 -5.63 -31.64
CA ALA A 239 21.22 -6.42 -32.31
C ALA A 239 22.60 -5.78 -32.11
N GLN B 6 -5.17 -36.53 9.61
CA GLN B 6 -5.39 -35.16 9.04
C GLN B 6 -4.56 -34.13 9.80
N GLU B 7 -3.70 -33.44 9.07
CA GLU B 7 -2.75 -32.46 9.64
C GLU B 7 -3.44 -31.30 10.37
N VAL B 8 -4.63 -30.93 9.90
CA VAL B 8 -5.43 -29.82 10.47
C VAL B 8 -5.98 -30.22 11.83
N GLU B 9 -6.46 -31.45 11.93
CA GLU B 9 -7.01 -31.97 13.17
C GLU B 9 -5.97 -32.02 14.30
N THR B 10 -4.81 -32.61 14.00
CA THR B 10 -3.68 -32.61 14.95
C THR B 10 -3.37 -31.20 15.44
N TYR B 11 -3.37 -30.25 14.51
CA TYR B 11 -3.00 -28.87 14.81
C TYR B 11 -4.08 -28.20 15.65
N ARG B 12 -5.34 -28.32 15.23
CA ARG B 12 -6.45 -27.77 16.00
C ARG B 12 -6.44 -28.26 17.45
N ARG B 13 -6.36 -29.58 17.63
CA ARG B 13 -6.37 -30.17 18.99
C ARG B 13 -5.17 -29.73 19.85
N SER B 14 -4.01 -29.54 19.22
CA SER B 14 -2.84 -29.06 19.95
C SER B 14 -2.99 -27.61 20.43
N LYS B 15 -3.80 -26.82 19.74
CA LYS B 15 -3.99 -25.40 20.08
C LYS B 15 -5.37 -25.14 20.68
N GLU B 16 -6.10 -26.22 20.97
CA GLU B 16 -7.43 -26.16 21.60
C GLU B 16 -8.41 -25.32 20.79
N ILE B 17 -8.36 -25.47 19.47
CA ILE B 17 -9.22 -24.74 18.54
C ILE B 17 -10.42 -25.61 18.21
N THR B 18 -11.62 -25.18 18.57
CA THR B 18 -12.89 -25.81 18.15
C THR B 18 -13.56 -24.93 17.11
N VAL B 19 -14.01 -25.49 15.98
CA VAL B 19 -14.75 -24.72 14.97
C VAL B 19 -16.12 -25.31 14.80
N ARG B 20 -17.11 -24.47 14.55
CA ARG B 20 -18.45 -24.91 14.20
C ARG B 20 -19.00 -24.12 13.01
N GLY B 21 -19.77 -24.80 12.17
CA GLY B 21 -20.34 -24.22 10.97
C GLY B 21 -19.83 -24.82 9.66
N HIS B 22 -20.41 -24.35 8.57
CA HIS B 22 -20.18 -24.93 7.25
C HIS B 22 -18.93 -24.42 6.55
N ASN B 23 -18.07 -25.35 6.14
CA ASN B 23 -16.93 -25.09 5.28
C ASN B 23 -15.91 -24.10 5.83
N CYS B 24 -15.51 -24.31 7.08
CA CYS B 24 -14.37 -23.56 7.61
C CYS B 24 -13.09 -23.97 6.86
N PRO B 25 -12.36 -22.99 6.31
CA PRO B 25 -11.10 -23.36 5.65
C PRO B 25 -9.99 -23.79 6.61
N LYS B 26 -9.01 -24.51 6.09
CA LYS B 26 -7.91 -24.96 6.89
C LYS B 26 -7.28 -23.77 7.58
N PRO B 27 -6.84 -23.94 8.84
CA PRO B 27 -6.10 -22.86 9.49
C PRO B 27 -4.75 -22.65 8.80
N VAL B 28 -4.13 -21.50 9.01
CA VAL B 28 -2.80 -21.27 8.46
C VAL B 28 -1.74 -21.62 9.51
N LEU B 29 -0.70 -22.31 9.05
CA LEU B 29 0.32 -22.87 9.92
C LEU B 29 1.48 -21.92 10.23
N ASN B 30 1.59 -20.84 9.47
CA ASN B 30 2.61 -19.82 9.73
C ASN B 30 2.19 -18.46 9.16
N PHE B 31 2.99 -17.42 9.39
CA PHE B 31 2.66 -16.06 8.91
C PHE B 31 2.72 -15.94 7.39
N TYR B 32 3.58 -16.74 6.79
CA TYR B 32 3.91 -16.62 5.38
C TYR B 32 2.73 -17.11 4.60
N GLU B 33 2.13 -18.17 5.12
CA GLU B 33 1.02 -18.87 4.49
C GLU B 33 -0.24 -18.01 4.39
N ALA B 34 -0.36 -17.01 5.28
CA ALA B 34 -1.47 -16.05 5.22
C ALA B 34 -1.36 -15.12 4.02
N ASN B 35 -0.15 -14.91 3.53
CA ASN B 35 0.10 -14.19 2.27
C ASN B 35 -0.37 -12.75 2.32
N PHE B 36 -0.08 -12.09 3.43
CA PHE B 36 -0.45 -10.72 3.62
C PHE B 36 0.43 -9.89 2.71
N PRO B 37 0.04 -8.64 2.42
CA PRO B 37 0.94 -7.83 1.60
C PRO B 37 2.26 -7.48 2.32
N ALA B 38 3.26 -7.16 1.51
CA ALA B 38 4.64 -6.89 1.99
C ALA B 38 4.70 -5.86 3.11
N ASN B 39 3.97 -4.77 2.94
CA ASN B 39 3.90 -3.68 3.92
C ASN B 39 3.41 -4.09 5.32
N VAL B 40 2.40 -4.95 5.37
CA VAL B 40 1.93 -5.54 6.63
C VAL B 40 2.97 -6.51 7.16
N MET B 41 3.61 -7.29 6.28
CA MET B 41 4.66 -8.19 6.74
C MET B 41 5.82 -7.42 7.39
N ASP B 42 6.16 -6.24 6.85
CA ASP B 42 7.23 -5.40 7.41
C ASP B 42 6.97 -5.08 8.87
N VAL B 43 5.69 -4.89 9.20
CA VAL B 43 5.28 -4.47 10.54
C VAL B 43 5.28 -5.66 11.50
N ILE B 44 4.61 -6.75 11.11
CA ILE B 44 4.66 -8.01 11.86
C ILE B 44 6.10 -8.40 12.26
N ALA B 45 7.03 -8.30 11.31
CA ALA B 45 8.44 -8.65 11.53
C ALA B 45 9.03 -7.87 12.71
N ARG B 46 8.67 -6.61 12.79
CA ARG B 46 9.16 -5.73 13.84
C ARG B 46 8.61 -6.09 15.20
N GLN B 47 7.46 -6.76 15.25
CA GLN B 47 6.86 -7.21 16.52
C GLN B 47 7.62 -8.38 17.16
N ASN B 48 8.49 -9.04 16.39
CA ASN B 48 9.24 -10.23 16.85
C ASN B 48 8.32 -11.35 17.31
N PHE B 49 7.21 -11.56 16.62
CA PHE B 49 6.39 -12.74 16.87
C PHE B 49 7.10 -13.97 16.32
N THR B 50 6.94 -15.12 16.96
CA THR B 50 7.49 -16.38 16.43
C THR B 50 6.52 -17.11 15.49
N GLU B 51 5.24 -17.14 15.86
CA GLU B 51 4.20 -17.76 15.04
C GLU B 51 2.84 -17.10 15.29
N PRO B 52 1.82 -17.41 14.45
CA PRO B 52 0.46 -16.93 14.72
C PRO B 52 -0.11 -17.56 15.97
N THR B 53 -0.90 -16.78 16.72
CA THR B 53 -1.71 -17.34 17.80
C THR B 53 -2.76 -18.27 17.24
N ALA B 54 -3.40 -19.02 18.12
CA ALA B 54 -4.44 -19.95 17.73
C ALA B 54 -5.60 -19.24 17.00
N ILE B 55 -6.04 -18.13 17.55
CA ILE B 55 -7.17 -17.40 17.00
C ILE B 55 -6.82 -16.83 15.62
N GLN B 56 -5.61 -16.31 15.48
CA GLN B 56 -5.10 -15.85 14.20
C GLN B 56 -5.05 -17.02 13.21
N ALA B 57 -4.33 -18.08 13.57
CA ALA B 57 -4.17 -19.23 12.68
C ALA B 57 -5.48 -19.62 11.99
N GLN B 58 -6.55 -19.74 12.78
CA GLN B 58 -7.85 -20.18 12.25
C GLN B 58 -8.75 -19.03 11.85
N GLY B 59 -8.55 -17.84 12.42
CA GLY B 59 -9.44 -16.69 12.12
C GLY B 59 -9.08 -16.00 10.82
N TRP B 60 -7.80 -15.87 10.56
CA TRP B 60 -7.35 -15.20 9.35
C TRP B 60 -7.92 -15.83 8.07
N PRO B 61 -7.76 -17.13 7.88
CA PRO B 61 -8.26 -17.65 6.61
C PRO B 61 -9.77 -17.50 6.44
N VAL B 62 -10.50 -17.56 7.54
CA VAL B 62 -11.94 -17.37 7.52
C VAL B 62 -12.28 -15.95 7.05
N ALA B 63 -11.64 -14.98 7.70
CA ALA B 63 -11.78 -13.59 7.33
C ALA B 63 -11.29 -13.36 5.90
N LEU B 64 -10.09 -13.81 5.55
CA LEU B 64 -9.62 -13.64 4.17
C LEU B 64 -10.54 -14.25 3.09
N SER B 65 -11.27 -15.31 3.43
CA SER B 65 -12.26 -15.89 2.52
C SER B 65 -13.55 -15.10 2.44
N GLY B 66 -13.67 -14.05 3.24
CA GLY B 66 -14.84 -13.20 3.18
C GLY B 66 -16.00 -13.71 4.01
N LEU B 67 -15.78 -14.74 4.82
CA LEU B 67 -16.83 -15.33 5.65
C LEU B 67 -17.14 -14.46 6.87
N ASP B 68 -18.36 -14.60 7.41
CA ASP B 68 -18.73 -14.06 8.74
C ASP B 68 -18.29 -15.01 9.84
N MET B 69 -18.04 -14.48 11.04
CA MET B 69 -17.61 -15.36 12.14
C MET B 69 -17.75 -14.76 13.54
N VAL B 70 -17.64 -15.64 14.53
CA VAL B 70 -17.47 -15.26 15.94
C VAL B 70 -16.17 -15.88 16.43
N GLY B 71 -15.32 -15.10 17.08
CA GLY B 71 -14.13 -15.62 17.71
C GLY B 71 -14.23 -15.53 19.21
N VAL B 72 -14.27 -16.66 19.91
CA VAL B 72 -14.28 -16.64 21.37
C VAL B 72 -12.93 -17.14 21.88
N ALA B 73 -12.16 -16.22 22.45
CA ALA B 73 -10.87 -16.55 23.06
C ALA B 73 -10.76 -15.76 24.33
N GLN B 74 -9.86 -16.18 25.21
CA GLN B 74 -9.58 -15.39 26.41
C GLN B 74 -8.73 -14.16 26.07
N THR B 75 -8.70 -13.20 26.99
CA THR B 75 -7.89 -11.99 26.83
C THR B 75 -6.45 -12.40 26.59
N GLY B 76 -5.72 -11.60 25.81
CA GLY B 76 -4.34 -11.91 25.46
C GLY B 76 -4.15 -12.93 24.33
N SER B 77 -5.23 -13.32 23.65
CA SER B 77 -5.16 -14.33 22.56
C SER B 77 -4.85 -13.82 21.15
N GLY B 78 -4.96 -12.52 20.91
CA GLY B 78 -4.54 -11.91 19.66
C GLY B 78 -5.66 -11.67 18.67
N LYS B 79 -6.83 -11.32 19.19
CA LYS B 79 -8.03 -11.10 18.35
C LYS B 79 -7.87 -9.88 17.45
N THR B 80 -7.13 -8.88 17.94
CA THR B 80 -7.02 -7.59 17.25
C THR B 80 -6.41 -7.78 15.87
N LEU B 81 -5.23 -8.38 15.82
CA LEU B 81 -4.61 -8.62 14.53
C LEU B 81 -5.42 -9.67 13.75
N SER B 82 -6.18 -10.53 14.45
CA SER B 82 -7.03 -11.48 13.75
C SER B 82 -7.98 -10.80 12.80
N TYR B 83 -8.54 -9.65 13.22
CA TYR B 83 -9.47 -8.88 12.36
C TYR B 83 -8.88 -7.67 11.59
N LEU B 84 -7.76 -7.11 12.05
CA LEU B 84 -7.17 -5.95 11.40
C LEU B 84 -6.39 -6.29 10.15
N LEU B 85 -5.58 -7.35 10.19
CA LEU B 85 -4.72 -7.65 9.06
C LEU B 85 -5.53 -8.06 7.81
N PRO B 86 -6.55 -8.91 7.99
CA PRO B 86 -7.51 -9.10 6.92
C PRO B 86 -8.27 -7.81 6.50
N ALA B 87 -8.49 -6.86 7.43
CA ALA B 87 -9.18 -5.61 7.08
C ALA B 87 -8.38 -4.86 6.04
N ILE B 88 -7.08 -4.78 6.22
CA ILE B 88 -6.22 -4.11 5.26
C ILE B 88 -6.37 -4.77 3.88
N VAL B 89 -6.24 -6.10 3.82
CA VAL B 89 -6.39 -6.84 2.57
C VAL B 89 -7.75 -6.54 1.93
N HIS B 90 -8.80 -6.57 2.76
CA HIS B 90 -10.15 -6.30 2.28
C HIS B 90 -10.14 -4.98 1.55
N ILE B 91 -9.59 -3.96 2.21
CA ILE B 91 -9.53 -2.59 1.69
C ILE B 91 -8.72 -2.51 0.41
N ASN B 92 -7.65 -3.29 0.30
CA ASN B 92 -6.86 -3.37 -0.93
C ASN B 92 -7.70 -3.86 -2.13
N HIS B 93 -8.72 -4.67 -1.86
CA HIS B 93 -9.58 -5.18 -2.92
C HIS B 93 -10.87 -4.39 -3.13
N GLN B 94 -11.03 -3.24 -2.45
CA GLN B 94 -12.16 -2.34 -2.70
C GLN B 94 -11.63 -1.10 -3.43
N PRO B 95 -12.53 -0.36 -4.10
CA PRO B 95 -12.06 0.83 -4.82
C PRO B 95 -11.51 1.93 -3.91
N PHE B 96 -10.63 2.74 -4.48
CA PHE B 96 -10.04 3.90 -3.83
C PHE B 96 -11.05 4.73 -3.00
N LEU B 97 -10.60 5.24 -1.86
CA LEU B 97 -11.40 6.14 -1.01
C LEU B 97 -11.50 7.53 -1.65
N GLU B 98 -12.65 7.84 -2.23
CA GLU B 98 -12.90 9.14 -2.88
C GLU B 98 -13.20 10.21 -1.82
N ARG B 99 -13.39 11.46 -2.26
CA ARG B 99 -13.84 12.54 -1.35
C ARG B 99 -15.24 12.26 -0.79
N GLY B 100 -15.39 12.48 0.51
CA GLY B 100 -16.69 12.33 1.18
C GLY B 100 -17.13 10.91 1.45
N ASP B 101 -16.30 9.93 1.07
CA ASP B 101 -16.59 8.55 1.36
C ASP B 101 -16.46 8.34 2.85
N GLY B 102 -17.44 7.64 3.43
CA GLY B 102 -17.31 7.13 4.77
C GLY B 102 -16.43 5.90 4.83
N PRO B 103 -16.07 5.46 6.04
CA PRO B 103 -15.18 4.32 6.22
C PRO B 103 -15.62 3.04 5.50
N ILE B 104 -14.61 2.30 5.04
CA ILE B 104 -14.77 0.99 4.45
C ILE B 104 -14.79 -0.03 5.60
N CYS B 105 -13.88 0.15 6.55
CA CYS B 105 -13.79 -0.78 7.66
C CYS B 105 -14.24 -0.10 8.93
N LEU B 106 -15.25 -0.66 9.59
CA LEU B 106 -15.75 -0.10 10.84
C LEU B 106 -15.66 -1.13 11.96
N VAL B 107 -14.90 -0.79 13.00
CA VAL B 107 -14.78 -1.62 14.16
C VAL B 107 -15.52 -0.88 15.25
N LEU B 108 -16.44 -1.56 15.93
CA LEU B 108 -17.13 -1.02 17.09
C LEU B 108 -16.59 -1.71 18.36
N ALA B 109 -16.20 -0.91 19.35
CA ALA B 109 -15.75 -1.40 20.65
C ALA B 109 -16.70 -0.84 21.69
N PRO B 110 -16.66 -1.39 22.92
CA PRO B 110 -17.52 -0.91 24.01
C PRO B 110 -17.09 0.39 24.67
N THR B 111 -15.79 0.65 24.75
CA THR B 111 -15.31 1.73 25.60
C THR B 111 -14.26 2.54 24.88
N ARG B 112 -14.00 3.74 25.42
CA ARG B 112 -12.91 4.58 24.95
C ARG B 112 -11.56 3.88 25.05
N GLU B 113 -11.38 3.07 26.09
CA GLU B 113 -10.06 2.50 26.37
C GLU B 113 -9.76 1.40 25.33
N LEU B 114 -10.71 0.50 25.16
CA LEU B 114 -10.56 -0.61 24.22
C LEU B 114 -10.46 -0.11 22.78
N ALA B 115 -11.26 0.91 22.44
CA ALA B 115 -11.21 1.53 21.10
C ALA B 115 -9.90 2.25 20.83
N GLN B 116 -9.30 2.84 21.84
CA GLN B 116 -8.05 3.55 21.61
C GLN B 116 -6.88 2.58 21.48
N GLN B 117 -7.00 1.39 22.08
CA GLN B 117 -5.96 0.34 21.99
C GLN B 117 -5.90 -0.21 20.59
N VAL B 118 -7.07 -0.37 20.00
CA VAL B 118 -7.15 -0.89 18.63
C VAL B 118 -6.45 0.08 17.67
N GLN B 119 -6.79 1.37 17.80
CA GLN B 119 -6.16 2.45 17.02
C GLN B 119 -4.66 2.47 17.23
N GLN B 120 -4.26 2.14 18.44
CA GLN B 120 -2.85 2.12 18.80
C GLN B 120 -2.15 1.00 18.00
N VAL B 121 -2.72 -0.20 18.03
CA VAL B 121 -2.17 -1.34 17.29
C VAL B 121 -2.30 -1.10 15.77
N ALA B 122 -3.43 -0.54 15.37
CA ALA B 122 -3.70 -0.29 13.96
C ALA B 122 -2.76 0.74 13.36
N ALA B 123 -2.18 1.61 14.19
CA ALA B 123 -1.44 2.77 13.71
C ALA B 123 -0.23 2.39 12.88
N GLU B 124 0.62 1.52 13.42
CA GLU B 124 1.87 1.12 12.73
C GLU B 124 1.58 0.59 11.30
N TYR B 125 0.48 -0.16 11.17
CA TYR B 125 0.14 -0.79 9.91
C TYR B 125 -0.44 0.24 8.94
N CYS B 126 -1.34 1.08 9.43
CA CYS B 126 -1.97 2.10 8.57
C CYS B 126 -0.95 3.01 7.88
N ARG B 127 0.09 3.39 8.61
CA ARG B 127 1.21 4.19 8.10
C ARG B 127 2.14 3.42 7.18
N ALA B 128 2.43 2.16 7.47
CA ALA B 128 3.20 1.34 6.50
C ALA B 128 2.41 1.13 5.18
N CYS B 129 1.09 1.03 5.32
CA CYS B 129 0.19 0.81 4.24
C CYS B 129 -0.41 2.07 3.64
N ARG B 130 -0.07 3.24 4.18
CA ARG B 130 -0.66 4.51 3.70
C ARG B 130 -2.19 4.50 3.75
N LEU B 131 -2.74 3.82 4.77
CA LEU B 131 -4.15 3.87 5.11
C LEU B 131 -4.33 4.93 6.19
N LYS B 132 -5.49 5.60 6.18
CA LYS B 132 -5.85 6.54 7.24
C LYS B 132 -6.87 5.86 8.15
N SER B 133 -6.79 6.19 9.43
CA SER B 133 -7.78 5.73 10.40
C SER B 133 -7.98 6.75 11.50
N THR B 134 -9.11 6.67 12.17
CA THR B 134 -9.36 7.50 13.32
C THR B 134 -10.09 6.75 14.41
N CYS B 135 -9.96 7.28 15.63
CA CYS B 135 -10.59 6.72 16.79
C CYS B 135 -11.59 7.73 17.26
N ILE B 136 -12.86 7.37 17.26
CA ILE B 136 -13.89 8.27 17.76
C ILE B 136 -14.57 7.62 18.97
N TYR B 137 -14.90 8.44 19.96
CA TYR B 137 -15.48 7.96 21.19
C TYR B 137 -16.13 9.11 21.94
N GLY B 138 -17.06 8.79 22.83
CA GLY B 138 -17.73 9.82 23.63
C GLY B 138 -16.83 10.39 24.69
N GLY B 139 -17.17 11.56 25.20
CA GLY B 139 -16.41 12.22 26.26
C GLY B 139 -15.31 13.18 25.78
N ALA B 140 -14.95 13.08 24.51
CA ALA B 140 -13.86 13.88 23.99
C ALA B 140 -14.41 14.92 23.04
N PRO B 141 -13.64 16.00 22.80
CA PRO B 141 -14.04 17.04 21.86
C PRO B 141 -14.41 16.48 20.50
N LYS B 142 -15.55 16.86 19.97
CA LYS B 142 -16.00 16.35 18.69
C LYS B 142 -15.17 16.88 17.50
N GLY B 143 -14.64 18.12 17.64
CA GLY B 143 -13.98 18.82 16.53
C GLY B 143 -12.92 17.99 15.81
N PRO B 144 -11.82 17.68 16.50
CA PRO B 144 -10.74 16.88 15.90
C PRO B 144 -11.22 15.61 15.19
N GLN B 145 -12.17 14.92 15.80
CA GLN B 145 -12.71 13.69 15.27
C GLN B 145 -13.53 13.93 13.99
N ILE B 146 -14.42 14.92 14.01
CA ILE B 146 -15.10 15.35 12.80
C ILE B 146 -14.05 15.67 11.70
N ARG B 147 -12.97 16.36 12.08
CA ARG B 147 -11.99 16.77 11.08
C ARG B 147 -11.28 15.57 10.47
N ASP B 148 -10.86 14.62 11.29
CA ASP B 148 -10.30 13.36 10.75
C ASP B 148 -11.26 12.72 9.77
N LEU B 149 -12.52 12.61 10.18
CA LEU B 149 -13.56 11.98 9.36
C LEU B 149 -13.82 12.68 8.02
N GLU B 150 -13.67 14.00 7.97
CA GLU B 150 -13.94 14.74 6.75
C GLU B 150 -12.76 14.70 5.80
N ARG B 151 -11.55 14.59 6.34
CA ARG B 151 -10.36 14.26 5.54
C ARG B 151 -10.43 12.85 4.96
N GLY B 152 -11.41 12.05 5.40
CA GLY B 152 -11.57 10.67 4.94
C GLY B 152 -10.74 9.68 5.73
N VAL B 153 -11.33 8.54 6.08
CA VAL B 153 -10.60 7.43 6.71
C VAL B 153 -11.09 6.15 6.10
N GLU B 154 -10.19 5.21 5.85
CA GLU B 154 -10.64 3.90 5.38
C GLU B 154 -11.09 3.09 6.57
N ILE B 155 -10.47 3.34 7.71
CA ILE B 155 -10.82 2.67 8.96
C ILE B 155 -11.34 3.67 9.99
N CYS B 156 -12.44 3.31 10.65
CA CYS B 156 -12.99 4.08 11.75
C CYS B 156 -13.22 3.15 12.93
N ILE B 157 -12.51 3.42 14.02
CA ILE B 157 -12.69 2.68 15.27
C ILE B 157 -13.57 3.58 16.12
N ALA B 158 -14.69 3.04 16.60
CA ALA B 158 -15.76 3.84 17.23
C ALA B 158 -16.41 3.20 18.46
N THR B 159 -16.74 4.05 19.44
CA THR B 159 -17.70 3.65 20.48
C THR B 159 -19.09 4.05 19.97
N PRO B 160 -20.12 3.22 20.24
CA PRO B 160 -21.45 3.33 19.65
C PRO B 160 -22.06 4.69 19.65
N GLY B 161 -22.23 5.30 20.82
CA GLY B 161 -22.95 6.55 20.97
C GLY B 161 -22.37 7.65 20.11
N ARG B 162 -21.07 7.87 20.25
CA ARG B 162 -20.42 8.93 19.50
C ARG B 162 -20.59 8.70 17.99
N LEU B 163 -20.67 7.46 17.56
CA LEU B 163 -20.89 7.17 16.13
C LEU B 163 -22.31 7.53 15.70
N ILE B 164 -23.29 7.11 16.50
CA ILE B 164 -24.69 7.45 16.25
C ILE B 164 -24.84 8.97 16.13
N ASP B 165 -24.28 9.70 17.08
CA ASP B 165 -24.23 11.16 17.05
C ASP B 165 -23.77 11.71 15.68
N PHE B 166 -22.63 11.23 15.20
CA PHE B 166 -22.07 11.68 13.94
C PHE B 166 -22.84 11.20 12.71
N LEU B 167 -23.42 10.02 12.80
CA LEU B 167 -24.33 9.51 11.79
C LEU B 167 -25.54 10.44 11.61
N GLU B 168 -26.25 10.66 12.71
CA GLU B 168 -27.43 11.55 12.72
C GLU B 168 -27.15 12.99 12.27
N CYS B 169 -25.98 13.53 12.63
CA CYS B 169 -25.55 14.88 12.21
C CYS B 169 -24.85 14.94 10.83
N GLY B 170 -24.82 13.83 10.09
CA GLY B 170 -24.26 13.81 8.73
C GLY B 170 -22.76 14.00 8.63
N LYS B 171 -22.02 13.79 9.72
CA LYS B 171 -20.58 14.01 9.68
C LYS B 171 -19.79 12.78 9.20
N THR B 172 -20.51 11.67 9.01
CA THR B 172 -19.97 10.50 8.34
C THR B 172 -21.13 9.63 7.91
N ASN B 173 -20.82 8.56 7.19
CA ASN B 173 -21.83 7.61 6.72
C ASN B 173 -21.26 6.18 6.53
N LEU B 174 -22.14 5.22 6.26
CA LEU B 174 -21.77 3.81 6.19
C LEU B 174 -22.04 3.19 4.81
N ARG B 175 -22.27 4.03 3.81
CA ARG B 175 -22.64 3.54 2.47
C ARG B 175 -21.47 2.79 1.81
N ARG B 176 -20.30 2.96 2.38
CA ARG B 176 -19.10 2.36 1.88
C ARG B 176 -18.64 1.18 2.79
N THR B 177 -19.36 0.93 3.86
CA THR B 177 -18.87 0.07 4.93
C THR B 177 -19.18 -1.39 4.67
N THR B 178 -18.17 -2.10 4.20
CA THR B 178 -18.33 -3.46 3.73
C THR B 178 -17.66 -4.49 4.64
N TYR B 179 -17.01 -4.01 5.70
CA TYR B 179 -16.28 -4.87 6.64
C TYR B 179 -16.47 -4.36 8.08
N LEU B 180 -17.27 -5.10 8.84
CA LEU B 180 -17.75 -4.68 10.14
C LEU B 180 -17.20 -5.60 11.21
N VAL B 181 -16.69 -5.02 12.27
CA VAL B 181 -16.16 -5.78 13.38
C VAL B 181 -16.77 -5.31 14.70
N LEU B 182 -17.20 -6.26 15.52
CA LEU B 182 -17.79 -6.00 16.82
C LEU B 182 -16.80 -6.55 17.86
N ASP B 183 -15.85 -5.73 18.29
CA ASP B 183 -14.90 -6.18 19.29
C ASP B 183 -15.59 -6.28 20.65
N GLU B 184 -15.20 -7.27 21.45
CA GLU B 184 -15.70 -7.43 22.81
C GLU B 184 -17.21 -7.38 22.95
N ALA B 185 -17.91 -8.14 22.11
CA ALA B 185 -19.39 -8.16 22.12
C ALA B 185 -19.98 -8.39 23.50
N ASP B 186 -19.42 -9.31 24.27
CA ASP B 186 -19.96 -9.60 25.61
C ASP B 186 -19.99 -8.34 26.49
N ARG B 187 -18.84 -7.66 26.54
CA ARG B 187 -18.66 -6.44 27.29
C ARG B 187 -19.59 -5.35 26.80
N MET B 188 -19.72 -5.21 25.48
CA MET B 188 -20.68 -4.25 24.89
C MET B 188 -22.13 -4.53 25.30
N LEU B 189 -22.47 -5.80 25.49
CA LEU B 189 -23.85 -6.17 25.88
C LEU B 189 -24.10 -5.92 27.35
N ASP B 190 -23.15 -6.33 28.19
CA ASP B 190 -23.19 -6.01 29.61
C ASP B 190 -23.49 -4.54 29.82
N MET B 191 -22.78 -3.70 29.09
CA MET B 191 -22.95 -2.25 29.14
C MET B 191 -24.27 -1.77 28.53
N GLY B 192 -25.00 -2.65 27.84
CA GLY B 192 -26.33 -2.31 27.35
C GLY B 192 -26.39 -1.57 26.02
N PHE B 193 -25.29 -1.64 25.24
CA PHE B 193 -25.24 -1.01 23.90
C PHE B 193 -25.99 -1.80 22.81
N GLU B 194 -26.74 -2.84 23.16
CA GLU B 194 -27.41 -3.67 22.14
C GLU B 194 -28.38 -2.87 21.24
N PRO B 195 -29.32 -2.09 21.83
CA PRO B 195 -30.17 -1.26 20.94
C PRO B 195 -29.38 -0.44 19.91
N GLN B 196 -28.26 0.11 20.34
CA GLN B 196 -27.50 1.06 19.51
C GLN B 196 -26.72 0.39 18.39
N ILE B 197 -26.04 -0.70 18.73
CA ILE B 197 -25.37 -1.54 17.73
C ILE B 197 -26.38 -1.91 16.65
N ARG B 198 -27.60 -2.23 17.08
CA ARG B 198 -28.65 -2.57 16.14
C ARG B 198 -29.00 -1.40 15.23
N LYS B 199 -29.03 -0.18 15.77
CA LYS B 199 -29.33 1.01 15.00
C LYS B 199 -28.23 1.27 13.97
N ILE B 200 -26.99 0.97 14.36
CA ILE B 200 -25.83 1.18 13.48
C ILE B 200 -25.82 0.18 12.33
N VAL B 201 -25.95 -1.11 12.68
CA VAL B 201 -25.86 -2.21 11.72
C VAL B 201 -27.02 -2.22 10.73
N ASP B 202 -28.19 -1.78 11.19
CA ASP B 202 -29.37 -1.65 10.32
C ASP B 202 -29.15 -0.64 9.21
N GLN B 203 -28.27 0.33 9.43
CA GLN B 203 -27.95 1.32 8.42
C GLN B 203 -26.87 0.88 7.45
N ILE B 204 -26.27 -0.28 7.68
CA ILE B 204 -25.19 -0.79 6.82
C ILE B 204 -25.78 -1.71 5.79
N ARG B 205 -25.24 -1.63 4.58
CA ARG B 205 -25.65 -2.50 3.48
C ARG B 205 -25.58 -4.01 3.84
N PRO B 206 -26.54 -4.81 3.36
CA PRO B 206 -26.60 -6.25 3.70
C PRO B 206 -25.38 -7.03 3.16
N ASP B 207 -24.83 -6.51 2.09
CA ASP B 207 -23.54 -6.89 1.51
C ASP B 207 -22.36 -7.18 2.46
N ARG B 208 -22.38 -6.56 3.64
CA ARG B 208 -21.22 -6.51 4.51
C ARG B 208 -20.74 -7.86 5.00
N GLN B 209 -19.43 -7.96 5.24
CA GLN B 209 -18.87 -9.04 6.04
C GLN B 209 -18.76 -8.52 7.49
N THR B 210 -19.21 -9.35 8.45
CA THR B 210 -19.23 -8.99 9.87
C THR B 210 -18.46 -10.00 10.70
N LEU B 211 -17.75 -9.54 11.72
CA LEU B 211 -16.86 -10.37 12.51
C LEU B 211 -16.96 -9.99 13.99
N MET B 212 -17.61 -10.82 14.80
CA MET B 212 -17.70 -10.56 16.24
C MET B 212 -16.50 -11.13 16.98
N TRP B 213 -16.09 -10.48 18.06
CA TRP B 213 -15.04 -11.01 18.92
C TRP B 213 -15.47 -10.87 20.38
N SER B 214 -15.34 -11.95 21.13
CA SER B 214 -15.85 -12.03 22.51
C SER B 214 -14.96 -12.96 23.35
N ALA B 215 -14.89 -12.73 24.66
CA ALA B 215 -14.14 -13.63 25.54
C ALA B 215 -15.05 -14.73 26.11
N THR B 216 -16.37 -14.55 25.95
CA THR B 216 -17.38 -15.47 26.46
C THR B 216 -18.53 -15.64 25.46
N TRP B 217 -19.36 -16.66 25.68
CA TRP B 217 -20.33 -17.09 24.67
C TRP B 217 -21.69 -17.37 25.35
N PRO B 218 -22.21 -16.37 26.10
CA PRO B 218 -23.51 -16.50 26.73
C PRO B 218 -24.65 -16.51 25.72
N LYS B 219 -25.84 -16.92 26.17
CA LYS B 219 -27.07 -16.84 25.36
C LYS B 219 -27.14 -15.55 24.56
N GLU B 220 -26.87 -14.44 25.24
CA GLU B 220 -27.09 -13.09 24.72
C GLU B 220 -26.28 -12.77 23.46
N VAL B 221 -25.01 -13.14 23.49
CA VAL B 221 -24.11 -12.97 22.34
C VAL B 221 -24.50 -13.89 21.19
N ARG B 222 -24.80 -15.15 21.49
CA ARG B 222 -25.27 -16.11 20.50
C ARG B 222 -26.41 -15.56 19.62
N GLN B 223 -27.34 -14.84 20.24
CA GLN B 223 -28.49 -14.27 19.53
C GLN B 223 -28.08 -13.05 18.68
N LEU B 224 -27.09 -12.30 19.16
CA LEU B 224 -26.52 -11.19 18.40
C LEU B 224 -25.91 -11.73 17.10
N ALA B 225 -25.28 -12.90 17.22
CA ALA B 225 -24.70 -13.61 16.11
C ALA B 225 -25.77 -14.02 15.10
N GLU B 226 -26.79 -14.72 15.58
CA GLU B 226 -27.90 -15.15 14.71
C GLU B 226 -28.49 -13.96 13.98
N ASP B 227 -28.64 -12.86 14.70
CA ASP B 227 -29.28 -11.67 14.16
C ASP B 227 -28.41 -10.94 13.13
N PHE B 228 -27.14 -10.72 13.47
CA PHE B 228 -26.30 -9.86 12.64
C PHE B 228 -25.28 -10.52 11.69
N LEU B 229 -25.14 -11.85 11.75
CA LEU B 229 -24.15 -12.59 10.93
C LEU B 229 -24.81 -13.62 10.03
N LYS B 230 -24.14 -13.92 8.91
CA LYS B 230 -24.63 -14.85 7.91
C LYS B 230 -23.83 -16.14 7.97
N ASP B 231 -24.52 -17.27 7.85
CA ASP B 231 -23.93 -18.60 7.75
C ASP B 231 -22.54 -18.71 8.38
N TYR B 232 -22.44 -18.26 9.62
CA TYR B 232 -21.15 -17.87 10.20
C TYR B 232 -20.34 -19.03 10.74
N ILE B 233 -19.03 -18.81 10.89
CA ILE B 233 -18.13 -19.77 11.52
C ILE B 233 -17.91 -19.37 12.98
N HIS B 234 -17.99 -20.33 13.88
CA HIS B 234 -17.80 -20.11 15.29
C HIS B 234 -16.47 -20.76 15.64
N ILE B 235 -15.48 -19.94 16.00
CA ILE B 235 -14.19 -20.42 16.48
C ILE B 235 -14.13 -20.26 17.99
N ASN B 236 -13.57 -21.25 18.68
CA ASN B 236 -13.40 -21.17 20.13
C ASN B 236 -12.00 -21.62 20.46
N ILE B 237 -11.38 -20.92 21.41
CA ILE B 237 -10.06 -21.30 21.92
C ILE B 237 -10.23 -21.59 23.40
N GLY B 238 -9.70 -22.73 23.86
CA GLY B 238 -9.87 -23.23 25.25
C GLY B 238 -10.40 -24.66 25.29
N ALA B 239 -10.40 -25.28 26.47
CA ALA B 239 -10.89 -26.68 26.64
C ALA B 239 -12.42 -26.75 26.52
#